data_2PBC
#
_entry.id   2PBC
#
_cell.length_a   42.430
_cell.length_b   39.335
_cell.length_c   108.316
_cell.angle_alpha   90.00
_cell.angle_beta   91.28
_cell.angle_gamma   90.00
#
_symmetry.space_group_name_H-M   'P 1 21 1'
#
loop_
_entity.id
_entity.type
_entity.pdbx_description
1 polymer 'FK506-binding protein 2'
2 non-polymer DI(HYDROXYETHYL)ETHER
3 water water
#
_entity_poly.entity_id   1
_entity_poly.type   'polypeptide(L)'
_entity_poly.pdbx_seq_one_letter_code
;GSPIKSRKGDVLHMHYTGKLEDGTEFDSSLPQNQPFVFSLGTGQVIKGWDQGLLGMCEGEKRKLVIPSELGYGERGAPPK
IPGGATLVFEVELLKIERRTEL
;
_entity_poly.pdbx_strand_id   A,B,C,D
#
loop_
_chem_comp.id
_chem_comp.type
_chem_comp.name
_chem_comp.formula
PEG non-polymer DI(HYDROXYETHYL)ETHER 'C4 H10 O3'
#
# COMPACT_ATOMS: atom_id res chain seq x y z
N GLY A 1 -22.62 10.70 -2.82
CA GLY A 1 -21.96 10.36 -1.55
C GLY A 1 -20.82 9.36 -1.71
N SER A 2 -19.83 9.45 -0.86
CA SER A 2 -18.74 8.48 -0.84
C SER A 2 -18.25 8.21 0.60
N PRO A 3 -18.82 7.16 1.26
CA PRO A 3 -18.54 6.80 2.65
C PRO A 3 -17.05 6.57 2.81
N ILE A 4 -16.48 7.23 3.79
CA ILE A 4 -15.06 7.01 4.08
C ILE A 4 -14.97 5.63 4.77
N LYS A 5 -13.79 5.05 4.73
CA LYS A 5 -13.59 3.71 5.24
C LYS A 5 -12.25 3.69 5.92
N SER A 6 -12.13 2.78 6.87
CA SER A 6 -10.95 2.73 7.77
C SER A 6 -9.66 2.51 7.00
N ARG A 7 -8.65 3.27 7.34
CA ARG A 7 -7.32 3.03 6.85
C ARG A 7 -6.30 3.15 7.98
N LYS A 8 -5.06 2.75 7.67
CA LYS A 8 -3.98 2.83 8.65
C LYS A 8 -3.96 4.23 9.19
N GLY A 9 -3.89 4.37 10.53
CA GLY A 9 -3.72 5.69 11.12
C GLY A 9 -5.05 6.29 11.62
N ASP A 10 -6.17 5.79 11.14
CA ASP A 10 -7.44 6.36 11.58
C ASP A 10 -7.65 6.11 13.07
N VAL A 11 -8.40 7.00 13.72
CA VAL A 11 -8.92 6.72 15.05
C VAL A 11 -10.30 6.15 14.90
N LEU A 12 -10.47 4.94 15.44
CA LEU A 12 -11.76 4.22 15.32
C LEU A 12 -12.41 4.11 16.68
N HIS A 13 -13.74 4.20 16.71
CA HIS A 13 -14.54 3.86 17.91
C HIS A 13 -15.26 2.56 17.59
N MET A 14 -14.97 1.51 18.32
CA MET A 14 -15.33 0.17 17.87
C MET A 14 -16.08 -0.56 18.98
N HIS A 15 -17.25 -1.11 18.66
CA HIS A 15 -17.85 -2.08 19.56
C HIS A 15 -17.29 -3.43 19.20
N TYR A 16 -17.14 -4.27 20.19
CA TYR A 16 -16.72 -5.61 19.90
C TYR A 16 -17.40 -6.53 20.88
N THR A 17 -17.64 -7.74 20.44
CA THR A 17 -17.90 -8.76 21.40
C THR A 17 -16.91 -9.81 21.03
N GLY A 18 -16.10 -10.22 21.99
CA GLY A 18 -15.15 -11.30 21.67
C GLY A 18 -15.62 -12.61 22.31
N LYS A 19 -15.53 -13.72 21.57
CA LYS A 19 -15.89 -15.04 22.10
C LYS A 19 -14.75 -16.00 21.93
N LEU A 20 -14.73 -17.01 22.79
N LEU A 20 -14.74 -17.01 22.80
CA LEU A 20 -13.82 -18.13 22.60
CA LEU A 20 -13.84 -18.15 22.67
C LEU A 20 -14.32 -19.03 21.47
C LEU A 20 -14.42 -19.15 21.67
N GLU A 21 -13.60 -20.11 21.23
CA GLU A 21 -14.02 -21.10 20.27
C GLU A 21 -15.19 -21.87 20.90
N ASP A 22 -15.11 -22.04 22.22
CA ASP A 22 -16.13 -22.73 23.02
C ASP A 22 -17.46 -21.94 23.05
N GLY A 23 -17.51 -20.83 22.31
CA GLY A 23 -18.72 -20.01 22.12
C GLY A 23 -18.89 -18.96 23.20
N THR A 24 -18.24 -19.21 24.33
CA THR A 24 -18.30 -18.39 25.52
C THR A 24 -17.71 -17.00 25.26
N GLU A 25 -18.51 -15.99 25.53
CA GLU A 25 -18.05 -14.60 25.48
C GLU A 25 -17.01 -14.36 26.59
N PHE A 26 -15.87 -13.80 26.21
CA PHE A 26 -14.85 -13.38 27.17
C PHE A 26 -14.89 -11.88 27.48
N ASP A 27 -15.34 -11.08 26.50
CA ASP A 27 -15.36 -9.62 26.65
C ASP A 27 -16.28 -8.96 25.63
N SER A 28 -16.78 -7.79 25.97
CA SER A 28 -17.64 -7.03 25.09
C SER A 28 -17.74 -5.59 25.56
N SER A 29 -17.86 -4.72 24.59
CA SER A 29 -18.02 -3.31 24.86
C SER A 29 -19.51 -2.99 24.98
N LEU A 30 -20.36 -3.95 24.66
CA LEU A 30 -21.81 -3.71 24.60
C LEU A 30 -22.52 -3.59 25.97
N PRO A 31 -22.12 -4.41 26.97
CA PRO A 31 -22.82 -4.34 28.25
C PRO A 31 -22.68 -3.01 28.92
N GLN A 32 -21.45 -2.51 29.07
CA GLN A 32 -21.21 -1.12 29.52
C GLN A 32 -21.61 -0.11 28.46
N ASN A 33 -21.79 -0.57 27.22
CA ASN A 33 -22.09 0.30 26.10
C ASN A 33 -21.00 1.40 25.96
N GLN A 34 -19.75 0.93 26.00
CA GLN A 34 -18.55 1.80 25.85
C GLN A 34 -17.66 1.36 24.67
N PRO A 35 -17.74 2.07 23.53
CA PRO A 35 -16.87 1.77 22.39
C PRO A 35 -15.38 1.83 22.78
N PHE A 36 -14.58 0.96 22.19
CA PHE A 36 -13.15 0.98 22.39
C PHE A 36 -12.55 1.88 21.34
N VAL A 37 -11.81 2.93 21.77
CA VAL A 37 -11.22 3.91 20.86
C VAL A 37 -9.73 3.74 20.77
N PHE A 38 -9.21 3.68 19.54
CA PHE A 38 -7.79 3.39 19.35
C PHE A 38 -7.36 3.83 17.97
N SER A 39 -6.05 3.88 17.73
CA SER A 39 -5.50 4.28 16.43
C SER A 39 -5.21 3.02 15.67
N LEU A 40 -5.83 2.85 14.50
CA LEU A 40 -5.62 1.62 13.70
C LEU A 40 -4.20 1.57 13.09
N GLY A 41 -3.59 0.40 13.12
CA GLY A 41 -2.30 0.23 12.42
C GLY A 41 -1.11 0.74 13.20
N THR A 42 -1.25 0.92 14.51
CA THR A 42 -0.13 1.41 15.35
C THR A 42 0.42 0.44 16.39
N GLY A 43 -0.08 -0.79 16.43
CA GLY A 43 0.36 -1.74 17.45
C GLY A 43 -0.29 -1.46 18.79
N GLN A 44 -1.32 -0.59 18.81
CA GLN A 44 -2.06 -0.34 20.04
C GLN A 44 -3.01 -1.52 20.38
N VAL A 45 -3.52 -2.19 19.35
CA VAL A 45 -4.39 -3.35 19.56
C VAL A 45 -3.70 -4.62 19.01
N ILE A 46 -4.30 -5.80 19.19
CA ILE A 46 -3.72 -7.04 18.70
C ILE A 46 -3.46 -6.99 17.19
N LYS A 47 -2.38 -7.63 16.76
CA LYS A 47 -2.08 -7.74 15.31
C LYS A 47 -3.25 -8.15 14.46
N GLY A 48 -4.05 -9.13 14.90
CA GLY A 48 -5.25 -9.59 14.16
C GLY A 48 -6.29 -8.47 13.91
N TRP A 49 -6.40 -7.51 14.83
CA TRP A 49 -7.18 -6.30 14.63
C TRP A 49 -6.54 -5.31 13.62
N ASP A 50 -5.26 -5.00 13.81
CA ASP A 50 -4.61 -4.04 12.86
C ASP A 50 -4.71 -4.46 11.37
N GLN A 51 -4.62 -5.76 11.09
CA GLN A 51 -4.62 -6.19 9.67
C GLN A 51 -6.03 -6.49 9.22
N GLY A 52 -6.90 -6.66 10.22
CA GLY A 52 -8.21 -7.26 10.00
C GLY A 52 -9.37 -6.26 9.90
N LEU A 53 -9.10 -5.01 10.28
CA LEU A 53 -10.18 -3.98 10.38
C LEU A 53 -10.06 -2.88 9.31
N LEU A 54 -9.31 -3.15 8.25
CA LEU A 54 -9.16 -2.17 7.18
C LEU A 54 -10.36 -2.13 6.25
N GLY A 55 -10.71 -0.96 5.73
CA GLY A 55 -11.79 -0.89 4.72
C GLY A 55 -13.20 -1.01 5.26
N MET A 56 -13.39 -0.75 6.57
CA MET A 56 -14.73 -0.71 7.17
C MET A 56 -15.35 0.67 7.11
N CYS A 57 -16.63 0.75 6.72
CA CYS A 57 -17.39 2.01 6.84
C CYS A 57 -18.06 2.08 8.20
N GLU A 58 -18.47 3.28 8.60
CA GLU A 58 -19.21 3.44 9.85
C GLU A 58 -20.50 2.69 9.71
N GLY A 59 -20.83 1.99 10.78
CA GLY A 59 -22.02 1.16 10.84
C GLY A 59 -21.85 -0.25 10.31
N GLU A 60 -20.64 -0.63 9.93
CA GLU A 60 -20.41 -1.95 9.34
C GLU A 60 -19.90 -2.91 10.40
N LYS A 61 -20.33 -4.17 10.29
CA LYS A 61 -19.95 -5.24 11.20
C LYS A 61 -18.96 -6.19 10.50
N ARG A 62 -18.02 -6.76 11.25
CA ARG A 62 -17.13 -7.76 10.65
C ARG A 62 -16.90 -8.83 11.66
N LYS A 63 -16.71 -10.06 11.19
CA LYS A 63 -16.29 -11.16 12.06
C LYS A 63 -14.82 -11.47 11.81
N LEU A 64 -14.04 -11.59 12.88
CA LEU A 64 -12.63 -11.95 12.76
C LEU A 64 -12.38 -13.15 13.63
N VAL A 65 -11.93 -14.24 13.01
CA VAL A 65 -11.38 -15.35 13.77
C VAL A 65 -9.89 -15.02 13.85
N ILE A 66 -9.34 -15.13 15.05
CA ILE A 66 -7.97 -14.64 15.28
C ILE A 66 -7.31 -15.73 16.12
N PRO A 67 -6.55 -16.61 15.45
CA PRO A 67 -5.77 -17.62 16.18
C PRO A 67 -4.86 -16.79 17.14
N SER A 68 -4.35 -17.43 18.18
N SER A 68 -4.33 -17.39 18.21
CA SER A 68 -3.57 -16.76 19.23
CA SER A 68 -3.61 -16.58 19.22
C SER A 68 -2.28 -16.09 18.73
C SER A 68 -2.26 -16.03 18.70
N GLU A 69 -1.72 -16.60 17.63
CA GLU A 69 -0.51 -15.97 16.97
C GLU A 69 -0.79 -14.49 16.64
N LEU A 70 -2.08 -14.19 16.45
CA LEU A 70 -2.42 -12.79 16.12
C LEU A 70 -3.21 -12.11 17.22
N GLY A 71 -3.36 -12.83 18.34
CA GLY A 71 -3.98 -12.26 19.55
C GLY A 71 -3.03 -12.12 20.74
N TYR A 72 -3.24 -12.92 21.79
CA TYR A 72 -2.48 -12.82 23.04
C TYR A 72 -1.48 -13.95 23.24
N GLY A 73 -1.29 -14.72 22.17
CA GLY A 73 -0.23 -15.72 22.09
C GLY A 73 -0.38 -16.79 23.15
N GLU A 74 0.70 -17.50 23.44
CA GLU A 74 0.63 -18.58 24.42
C GLU A 74 0.55 -18.03 25.84
N ARG A 75 1.02 -16.80 26.03
CA ARG A 75 0.98 -16.04 27.32
C ARG A 75 -0.47 -15.88 27.78
N GLY A 76 -1.34 -15.53 26.83
CA GLY A 76 -2.73 -15.29 27.13
C GLY A 76 -2.91 -13.93 27.79
N ALA A 77 -4.17 -13.64 28.15
CA ALA A 77 -4.50 -12.44 28.92
C ALA A 77 -5.50 -12.75 30.03
N PRO A 78 -5.02 -13.27 31.17
CA PRO A 78 -5.92 -13.69 32.26
C PRO A 78 -6.82 -12.52 32.77
N PRO A 79 -8.01 -12.84 33.30
CA PRO A 79 -8.63 -14.16 33.49
C PRO A 79 -9.37 -14.71 32.27
N LYS A 80 -9.80 -13.82 31.40
CA LYS A 80 -10.74 -14.19 30.35
C LYS A 80 -10.10 -15.01 29.20
N ILE A 81 -8.85 -14.68 28.85
CA ILE A 81 -8.22 -15.25 27.67
C ILE A 81 -7.08 -16.25 27.95
N PRO A 82 -7.35 -17.56 27.76
CA PRO A 82 -6.34 -18.62 27.91
C PRO A 82 -5.15 -18.41 26.98
N GLY A 83 -3.95 -18.81 27.42
CA GLY A 83 -2.81 -18.88 26.49
C GLY A 83 -3.22 -19.80 25.34
N GLY A 84 -3.01 -19.37 24.10
CA GLY A 84 -3.23 -20.20 22.90
C GLY A 84 -4.64 -20.24 22.33
N ALA A 85 -5.56 -19.50 22.97
CA ALA A 85 -6.97 -19.44 22.54
C ALA A 85 -7.23 -18.70 21.20
N THR A 86 -7.99 -19.35 20.33
CA THR A 86 -8.49 -18.69 19.12
C THR A 86 -9.70 -17.82 19.51
N LEU A 87 -9.67 -16.52 19.14
CA LEU A 87 -10.73 -15.56 19.49
C LEU A 87 -11.66 -15.29 18.36
N VAL A 88 -12.94 -15.16 18.66
CA VAL A 88 -13.88 -14.83 17.61
C VAL A 88 -14.51 -13.50 18.00
N PHE A 89 -14.21 -12.47 17.21
CA PHE A 89 -14.75 -11.14 17.41
C PHE A 89 -15.82 -10.83 16.42
N GLU A 90 -16.90 -10.26 16.92
CA GLU A 90 -17.88 -9.61 16.10
C GLU A 90 -17.78 -8.13 16.43
N VAL A 91 -17.30 -7.36 15.46
CA VAL A 91 -17.01 -5.95 15.69
C VAL A 91 -17.99 -5.11 14.91
N GLU A 92 -18.21 -3.91 15.41
CA GLU A 92 -19.05 -2.98 14.71
C GLU A 92 -18.30 -1.71 14.83
N LEU A 93 -17.95 -1.14 13.67
CA LEU A 93 -17.33 0.18 13.61
C LEU A 93 -18.40 1.26 13.81
N LEU A 94 -18.27 2.08 14.85
CA LEU A 94 -19.27 3.11 15.13
C LEU A 94 -18.91 4.44 14.49
N LYS A 95 -17.62 4.79 14.51
CA LYS A 95 -17.15 6.12 14.15
C LYS A 95 -15.71 6.08 13.68
N ILE A 96 -15.42 6.80 12.61
CA ILE A 96 -14.07 7.07 12.14
C ILE A 96 -13.82 8.55 12.39
N GLU A 97 -12.86 8.88 13.25
CA GLU A 97 -12.68 10.31 13.59
C GLU A 97 -12.45 11.24 12.36
N ARG A 98 -11.63 10.80 11.39
CA ARG A 98 -11.32 11.60 10.17
C ARG A 98 -12.49 12.17 9.37
N ARG A 99 -13.65 11.56 9.46
CA ARG A 99 -14.68 12.07 8.56
C ARG A 99 -15.26 13.39 9.02
N THR A 100 -15.09 13.72 10.30
CA THR A 100 -15.54 15.02 10.84
C THR A 100 -14.38 15.82 11.41
N GLY B 1 18.88 -20.57 -10.60
CA GLY B 1 18.06 -19.33 -10.45
C GLY B 1 18.42 -18.32 -11.50
N SER B 2 17.68 -17.20 -11.47
CA SER B 2 17.80 -16.11 -12.47
C SER B 2 17.89 -14.75 -11.75
N PRO B 3 18.61 -13.77 -12.33
CA PRO B 3 18.49 -12.42 -11.72
C PRO B 3 17.04 -11.95 -11.84
N ILE B 4 16.57 -11.09 -10.93
CA ILE B 4 15.14 -10.74 -10.98
C ILE B 4 14.96 -9.79 -12.19
N LYS B 5 13.71 -9.67 -12.65
CA LYS B 5 13.40 -8.78 -13.75
C LYS B 5 12.18 -7.97 -13.38
N SER B 6 12.14 -6.78 -13.95
CA SER B 6 11.14 -5.79 -13.47
C SER B 6 9.71 -6.30 -13.63
N ARG B 7 8.91 -6.04 -12.62
CA ARG B 7 7.46 -6.31 -12.72
C ARG B 7 6.70 -5.25 -11.94
N LYS B 8 5.38 -5.23 -12.15
CA LYS B 8 4.52 -4.27 -11.46
C LYS B 8 4.80 -4.32 -9.97
N GLY B 9 4.98 -3.15 -9.37
CA GLY B 9 5.22 -3.04 -7.95
C GLY B 9 6.70 -2.88 -7.58
N ASP B 10 7.61 -3.24 -8.48
CA ASP B 10 9.02 -3.04 -8.18
C ASP B 10 9.41 -1.57 -8.04
N VAL B 11 10.42 -1.32 -7.20
CA VAL B 11 11.01 0.00 -7.17
C VAL B 11 12.18 -0.11 -8.15
N LEU B 12 12.24 0.83 -9.10
CA LEU B 12 13.34 0.83 -10.08
C LEU B 12 14.18 2.09 -9.95
N HIS B 13 15.49 1.98 -10.19
CA HIS B 13 16.38 3.11 -10.29
C HIS B 13 16.76 3.19 -11.79
N MET B 14 16.24 4.20 -12.50
N MET B 14 16.32 4.23 -12.50
CA MET B 14 16.35 4.29 -13.97
CA MET B 14 16.42 4.19 -13.96
C MET B 14 17.14 5.50 -14.37
C MET B 14 16.90 5.47 -14.61
N HIS B 15 17.99 5.32 -15.37
CA HIS B 15 18.49 6.47 -16.14
C HIS B 15 17.65 6.59 -17.39
N TYR B 16 17.51 7.81 -17.89
CA TYR B 16 16.70 8.04 -19.09
C TYR B 16 17.14 9.31 -19.79
N THR B 17 16.85 9.32 -21.10
CA THR B 17 16.94 10.50 -21.93
C THR B 17 15.72 10.52 -22.83
N GLY B 18 15.05 11.67 -22.85
CA GLY B 18 13.84 11.80 -23.62
C GLY B 18 13.99 12.87 -24.68
N LYS B 19 13.59 12.53 -25.91
CA LYS B 19 13.63 13.47 -27.04
C LYS B 19 12.26 13.62 -27.70
N LEU B 20 12.02 14.77 -28.32
CA LEU B 20 10.85 14.96 -29.17
C LEU B 20 11.17 14.40 -30.57
N GLU B 21 10.17 14.33 -31.44
CA GLU B 21 10.35 13.67 -32.74
C GLU B 21 11.38 14.39 -33.63
N ASP B 22 11.61 15.67 -33.38
CA ASP B 22 12.60 16.40 -34.16
C ASP B 22 14.02 16.19 -33.62
N GLY B 23 14.16 15.33 -32.59
CA GLY B 23 15.46 15.02 -32.00
C GLY B 23 15.91 15.87 -30.82
N THR B 24 15.12 16.90 -30.51
CA THR B 24 15.38 17.81 -29.37
C THR B 24 15.32 17.06 -28.03
N GLU B 25 16.38 17.11 -27.24
CA GLU B 25 16.32 16.47 -25.93
C GLU B 25 15.46 17.33 -25.00
N PHE B 26 14.38 16.78 -24.42
CA PHE B 26 13.57 17.57 -23.47
C PHE B 26 13.94 17.32 -22.00
N ASP B 27 14.61 16.22 -21.69
CA ASP B 27 14.97 15.94 -20.29
C ASP B 27 15.86 14.74 -20.31
N SER B 28 16.72 14.62 -19.31
CA SER B 28 17.57 13.45 -19.15
C SER B 28 17.99 13.41 -17.69
N SER B 29 18.25 12.22 -17.17
CA SER B 29 18.81 12.04 -15.82
C SER B 29 20.32 12.07 -15.93
N LEU B 30 20.85 12.04 -17.15
CA LEU B 30 22.32 11.84 -17.32
C LEU B 30 23.19 13.08 -17.02
N PRO B 31 22.73 14.30 -17.39
CA PRO B 31 23.55 15.51 -17.07
C PRO B 31 23.93 15.64 -15.57
N GLN B 32 22.94 15.50 -14.68
CA GLN B 32 23.13 15.61 -13.26
C GLN B 32 23.58 14.24 -12.71
N ASN B 33 23.44 13.21 -13.53
CA ASN B 33 23.76 11.82 -13.13
C ASN B 33 22.93 11.37 -11.90
N GLN B 34 21.64 11.57 -11.99
CA GLN B 34 20.73 11.16 -10.91
C GLN B 34 19.64 10.23 -11.45
N PRO B 35 19.74 8.91 -11.20
CA PRO B 35 18.70 7.99 -11.68
C PRO B 35 17.31 8.39 -11.13
N PHE B 36 16.28 8.13 -11.92
CA PHE B 36 14.92 8.36 -11.46
C PHE B 36 14.45 7.09 -10.72
N VAL B 37 14.12 7.23 -9.42
CA VAL B 37 13.69 6.13 -8.59
C VAL B 37 12.16 6.21 -8.35
N PHE B 38 11.44 5.15 -8.68
CA PHE B 38 10.00 5.17 -8.67
C PHE B 38 9.46 3.75 -8.56
N SER B 39 8.18 3.63 -8.24
CA SER B 39 7.49 2.34 -8.15
C SER B 39 6.79 2.05 -9.47
N LEU B 40 7.15 0.94 -10.10
CA LEU B 40 6.59 0.61 -11.43
C LEU B 40 5.14 0.21 -11.32
N GLY B 41 4.30 0.71 -12.23
CA GLY B 41 2.90 0.22 -12.31
C GLY B 41 1.99 0.86 -11.29
N THR B 42 2.37 2.02 -10.76
CA THR B 42 1.52 2.71 -9.75
C THR B 42 0.96 4.08 -10.17
N GLY B 43 1.22 4.48 -11.42
CA GLY B 43 0.79 5.78 -11.89
C GLY B 43 1.67 6.94 -11.43
N GLN B 44 2.83 6.61 -10.86
CA GLN B 44 3.80 7.64 -10.47
C GLN B 44 4.49 8.26 -11.70
N VAL B 45 4.66 7.45 -12.73
CA VAL B 45 5.24 7.87 -13.99
C VAL B 45 4.19 7.79 -15.12
N ILE B 46 4.51 8.31 -16.31
CA ILE B 46 3.55 8.26 -17.44
C ILE B 46 3.17 6.81 -17.84
N LYS B 47 1.95 6.67 -18.39
CA LYS B 47 1.43 5.33 -18.68
C LYS B 47 2.37 4.54 -19.60
N GLY B 48 2.98 5.22 -20.54
CA GLY B 48 3.86 4.53 -21.47
C GLY B 48 5.07 3.88 -20.79
N TRP B 49 5.53 4.45 -19.67
CA TRP B 49 6.57 3.80 -18.86
C TRP B 49 6.02 2.63 -18.08
N ASP B 50 4.89 2.83 -17.44
CA ASP B 50 4.30 1.76 -16.61
C ASP B 50 4.06 0.48 -17.43
N GLN B 51 3.57 0.61 -18.64
CA GLN B 51 3.39 -0.61 -19.45
C GLN B 51 4.59 -1.07 -20.24
N GLY B 52 5.60 -0.20 -20.37
CA GLY B 52 6.73 -0.37 -21.31
C GLY B 52 8.06 -0.86 -20.71
N LEU B 53 8.14 -0.89 -19.38
CA LEU B 53 9.41 -1.19 -18.68
C LEU B 53 9.35 -2.55 -17.98
N LEU B 54 8.47 -3.42 -18.44
CA LEU B 54 8.32 -4.72 -17.74
C LEU B 54 9.35 -5.69 -18.26
N GLY B 55 9.86 -6.56 -17.40
CA GLY B 55 10.76 -7.64 -17.89
C GLY B 55 12.22 -7.26 -18.12
N MET B 56 12.64 -6.14 -17.52
CA MET B 56 14.05 -5.69 -17.67
C MET B 56 14.90 -6.22 -16.55
N CYS B 57 16.16 -6.60 -16.89
CA CYS B 57 17.09 -7.05 -15.88
C CYS B 57 17.93 -5.87 -15.46
N GLU B 58 18.53 -5.93 -14.27
CA GLU B 58 19.46 -4.85 -13.89
C GLU B 58 20.55 -4.67 -14.95
N GLY B 59 20.78 -3.44 -15.38
CA GLY B 59 21.81 -3.17 -16.42
C GLY B 59 21.25 -3.06 -17.81
N GLU B 60 19.99 -3.47 -18.01
CA GLU B 60 19.43 -3.57 -19.37
C GLU B 60 18.92 -2.21 -19.88
N LYS B 61 19.06 -1.99 -21.20
N LYS B 61 19.12 -1.97 -21.20
CA LYS B 61 18.56 -0.75 -21.85
CA LYS B 61 18.62 -0.72 -21.91
C LYS B 61 17.28 -1.04 -22.62
C LYS B 61 17.36 -1.00 -22.74
N ARG B 62 16.48 -0.02 -22.87
CA ARG B 62 15.30 -0.17 -23.71
C ARG B 62 14.95 1.16 -24.33
N LYS B 63 14.42 1.16 -25.56
CA LYS B 63 13.93 2.39 -26.20
C LYS B 63 12.41 2.31 -26.23
N LEU B 64 11.72 3.40 -25.88
CA LEU B 64 10.24 3.44 -25.93
C LEU B 64 9.79 4.68 -26.67
N VAL B 65 9.01 4.47 -27.72
CA VAL B 65 8.29 5.56 -28.39
C VAL B 65 6.95 5.66 -27.68
N ILE B 66 6.62 6.89 -27.25
CA ILE B 66 5.44 7.07 -26.41
C ILE B 66 4.60 8.21 -26.97
N PRO B 67 3.57 7.86 -27.76
CA PRO B 67 2.66 8.91 -28.26
C PRO B 67 1.98 9.62 -27.09
N SER B 68 1.47 10.84 -27.32
CA SER B 68 1.01 11.67 -26.20
C SER B 68 -0.11 11.03 -25.38
N GLU B 69 -0.88 10.16 -26.02
CA GLU B 69 -1.97 9.43 -25.32
C GLU B 69 -1.46 8.69 -24.07
N LEU B 70 -0.19 8.27 -24.15
CA LEU B 70 0.44 7.51 -23.08
C LEU B 70 1.54 8.34 -22.44
N GLY B 71 1.55 9.62 -22.78
CA GLY B 71 2.57 10.54 -22.21
C GLY B 71 1.97 11.69 -21.44
N TYR B 72 2.06 12.91 -21.98
CA TYR B 72 1.54 14.10 -21.28
C TYR B 72 0.25 14.61 -21.89
N GLY B 73 -0.30 13.86 -22.85
CA GLY B 73 -1.57 14.20 -23.49
C GLY B 73 -1.63 15.58 -24.12
N GLU B 74 -2.82 16.16 -24.03
CA GLU B 74 -3.09 17.46 -24.62
C GLU B 74 -2.46 18.60 -23.84
N ARG B 75 -2.39 18.49 -22.53
CA ARG B 75 -1.72 19.52 -21.69
C ARG B 75 -0.23 19.67 -22.04
N GLY B 76 0.46 18.57 -22.28
CA GLY B 76 1.93 18.62 -22.39
C GLY B 76 2.57 18.96 -21.05
N ALA B 77 3.82 19.38 -21.10
CA ALA B 77 4.56 19.81 -19.90
C ALA B 77 5.46 20.94 -20.31
N PRO B 78 4.95 22.18 -20.30
CA PRO B 78 5.74 23.33 -20.75
C PRO B 78 6.93 23.64 -19.83
N PRO B 79 7.97 24.34 -20.35
CA PRO B 79 8.07 24.80 -21.73
C PRO B 79 8.55 23.72 -22.72
N LYS B 80 9.02 22.57 -22.23
CA LYS B 80 9.80 21.67 -23.08
C LYS B 80 9.04 20.55 -23.81
N ILE B 81 7.79 20.27 -23.42
CA ILE B 81 7.02 19.22 -24.06
C ILE B 81 5.67 19.76 -24.49
N PRO B 82 5.48 19.91 -25.82
CA PRO B 82 4.23 20.45 -26.38
C PRO B 82 3.06 19.50 -26.15
N GLY B 83 1.83 20.03 -26.11
CA GLY B 83 0.65 19.19 -26.10
C GLY B 83 0.67 18.34 -27.36
N GLY B 84 0.20 17.09 -27.22
CA GLY B 84 0.17 16.15 -28.36
C GLY B 84 1.49 15.57 -28.87
N ALA B 85 2.61 15.81 -28.19
CA ALA B 85 3.95 15.39 -28.65
C ALA B 85 4.19 13.91 -28.39
N THR B 86 4.77 13.24 -29.38
CA THR B 86 5.27 11.89 -29.17
C THR B 86 6.64 12.01 -28.53
N LEU B 87 6.95 11.15 -27.54
CA LEU B 87 8.20 11.24 -26.81
C LEU B 87 8.98 9.98 -27.16
N VAL B 88 10.31 10.09 -27.23
CA VAL B 88 11.12 8.92 -27.47
C VAL B 88 12.09 8.85 -26.30
N PHE B 89 12.04 7.77 -25.52
CA PHE B 89 12.98 7.59 -24.43
C PHE B 89 13.96 6.48 -24.68
N GLU B 90 15.20 6.68 -24.26
CA GLU B 90 16.21 5.64 -24.17
C GLU B 90 16.45 5.51 -22.68
N VAL B 91 16.27 4.30 -22.13
CA VAL B 91 16.38 4.17 -20.70
C VAL B 91 17.39 3.11 -20.35
N GLU B 92 17.91 3.16 -19.12
CA GLU B 92 18.82 2.11 -18.61
C GLU B 92 18.41 1.77 -17.18
N LEU B 93 18.05 0.53 -16.94
CA LEU B 93 17.68 0.14 -15.58
C LEU B 93 18.95 -0.13 -14.79
N LEU B 94 19.18 0.65 -13.74
CA LEU B 94 20.38 0.39 -12.90
C LEU B 94 20.20 -0.65 -11.81
N LYS B 95 19.04 -0.62 -11.15
CA LYS B 95 18.86 -1.44 -9.94
C LYS B 95 17.38 -1.69 -9.81
N ILE B 96 17.03 -2.90 -9.39
CA ILE B 96 15.65 -3.19 -8.95
C ILE B 96 15.67 -3.43 -7.44
N GLU B 97 14.86 -2.71 -6.70
CA GLU B 97 14.96 -2.87 -5.25
C GLU B 97 14.62 -4.31 -4.86
N ARG B 98 15.56 -4.95 -4.15
CA ARG B 98 15.32 -6.25 -3.52
C ARG B 98 13.91 -6.24 -2.91
N ARG B 99 13.17 -7.33 -3.07
CA ARG B 99 11.73 -7.27 -3.25
C ARG B 99 10.94 -8.36 -2.53
N GLY C 1 21.50 -0.29 19.59
CA GLY C 1 21.06 0.13 18.24
C GLY C 1 21.25 1.64 18.03
N SER C 2 21.37 2.01 16.76
CA SER C 2 21.48 3.38 16.32
C SER C 2 20.67 3.57 15.02
N PRO C 3 19.37 3.96 15.13
CA PRO C 3 18.51 4.07 13.94
C PRO C 3 19.10 5.01 12.90
N ILE C 4 19.07 4.62 11.63
CA ILE C 4 19.55 5.55 10.61
C ILE C 4 18.39 6.53 10.41
N LYS C 5 18.71 7.71 9.89
CA LYS C 5 17.73 8.74 9.72
C LYS C 5 17.94 9.37 8.38
N SER C 6 16.89 9.93 7.84
CA SER C 6 16.90 10.33 6.42
C SER C 6 17.90 11.43 6.19
N ARG C 7 18.62 11.28 5.07
CA ARG C 7 19.43 12.38 4.56
C ARG C 7 19.31 12.61 3.06
N LYS C 8 19.86 13.73 2.60
CA LYS C 8 19.88 14.02 1.16
C LYS C 8 20.40 12.81 0.41
N GLY C 9 19.65 12.39 -0.60
CA GLY C 9 20.07 11.31 -1.47
C GLY C 9 19.44 9.96 -1.11
N ASP C 10 18.90 9.84 0.09
CA ASP C 10 18.30 8.56 0.49
C ASP C 10 17.09 8.27 -0.37
N VAL C 11 16.83 6.98 -0.66
CA VAL C 11 15.52 6.57 -1.20
C VAL C 11 14.56 6.27 -0.04
N LEU C 12 13.42 6.96 -0.04
CA LEU C 12 12.45 6.81 1.04
C LEU C 12 11.18 6.15 0.52
N HIS C 13 10.56 5.34 1.38
CA HIS C 13 9.23 4.78 1.11
C HIS C 13 8.34 5.45 2.14
N MET C 14 7.38 6.26 1.70
CA MET C 14 6.70 7.16 2.61
C MET C 14 5.21 7.06 2.38
N HIS C 15 4.44 6.95 3.47
CA HIS C 15 3.01 7.22 3.34
C HIS C 15 2.75 8.70 3.54
N TYR C 16 1.69 9.21 2.93
CA TYR C 16 1.32 10.60 3.14
C TYR C 16 -0.16 10.79 2.94
N THR C 17 -0.66 11.88 3.54
CA THR C 17 -1.97 12.39 3.24
C THR C 17 -1.82 13.91 3.14
N GLY C 18 -2.33 14.49 2.07
CA GLY C 18 -2.18 15.94 1.88
C GLY C 18 -3.58 16.53 1.94
N LYS C 19 -3.74 17.59 2.71
CA LYS C 19 -4.98 18.38 2.74
C LYS C 19 -4.77 19.86 2.37
N LEU C 20 -5.84 20.47 1.90
CA LEU C 20 -5.87 21.92 1.71
C LEU C 20 -6.23 22.66 3.01
N GLU C 21 -6.14 24.00 2.96
CA GLU C 21 -6.37 24.85 4.15
C GLU C 21 -7.80 24.78 4.71
N ASP C 22 -8.75 24.32 3.89
CA ASP C 22 -10.13 24.15 4.36
C ASP C 22 -10.34 22.75 4.94
N GLY C 23 -9.31 21.92 4.88
CA GLY C 23 -9.39 20.60 5.47
C GLY C 23 -9.66 19.53 4.43
N THR C 24 -9.97 19.94 3.20
CA THR C 24 -10.29 18.96 2.16
C THR C 24 -9.04 18.15 1.84
N GLU C 25 -9.19 16.82 1.78
CA GLU C 25 -8.10 15.96 1.37
C GLU C 25 -7.92 16.04 -0.15
N PHE C 26 -6.70 16.36 -0.60
CA PHE C 26 -6.42 16.37 -2.05
C PHE C 26 -5.70 15.11 -2.58
N ASP C 27 -4.97 14.37 -1.75
CA ASP C 27 -4.29 13.14 -2.18
C ASP C 27 -3.88 12.36 -0.92
N SER C 28 -3.76 11.07 -1.03
CA SER C 28 -3.19 10.24 0.04
C SER C 28 -2.68 8.92 -0.57
N SER C 29 -1.64 8.38 0.04
CA SER C 29 -1.16 7.06 -0.32
C SER C 29 -1.88 5.93 0.43
N LEU C 30 -2.73 6.31 1.39
CA LEU C 30 -3.29 5.33 2.34
C LEU C 30 -4.48 4.49 1.77
N PRO C 31 -5.38 5.13 1.00
CA PRO C 31 -6.51 4.34 0.46
C PRO C 31 -6.05 3.11 -0.36
N GLN C 32 -5.10 3.29 -1.28
CA GLN C 32 -4.57 2.16 -2.05
C GLN C 32 -3.47 1.38 -1.30
N ASN C 33 -3.02 1.93 -0.17
CA ASN C 33 -1.93 1.31 0.62
C ASN C 33 -0.70 1.07 -0.25
N GLN C 34 -0.26 2.15 -0.90
CA GLN C 34 0.96 2.11 -1.72
C GLN C 34 1.90 3.22 -1.29
N PRO C 35 2.94 2.88 -0.53
CA PRO C 35 3.93 3.89 -0.12
C PRO C 35 4.50 4.61 -1.35
N PHE C 36 4.75 5.91 -1.22
CA PHE C 36 5.27 6.70 -2.30
C PHE C 36 6.80 6.67 -2.19
N VAL C 37 7.48 6.27 -3.29
CA VAL C 37 8.93 6.02 -3.26
C VAL C 37 9.68 7.03 -4.11
N PHE C 38 10.71 7.67 -3.55
CA PHE C 38 11.41 8.77 -4.28
C PHE C 38 12.77 8.99 -3.66
N SER C 39 13.64 9.75 -4.35
CA SER C 39 14.96 10.09 -3.76
C SER C 39 14.85 11.45 -3.11
N LEU C 40 15.13 11.51 -1.80
CA LEU C 40 15.09 12.77 -1.08
C LEU C 40 16.20 13.75 -1.51
N GLY C 41 15.84 15.04 -1.59
CA GLY C 41 16.84 16.10 -1.87
C GLY C 41 17.30 16.07 -3.30
N THR C 42 16.46 15.64 -4.24
CA THR C 42 16.81 15.65 -5.66
C THR C 42 15.88 16.48 -6.57
N GLY C 43 14.91 17.16 -5.99
CA GLY C 43 13.90 17.86 -6.81
C GLY C 43 12.84 16.98 -7.48
N GLN C 44 12.79 15.71 -7.08
CA GLN C 44 11.75 14.79 -7.55
C GLN C 44 10.39 15.13 -6.93
N VAL C 45 10.40 15.49 -5.64
CA VAL C 45 9.18 15.94 -4.92
C VAL C 45 9.28 17.45 -4.65
N ILE C 46 8.19 18.04 -4.14
CA ILE C 46 8.13 19.47 -3.90
C ILE C 46 9.20 19.90 -2.90
N LYS C 47 9.64 21.14 -3.08
CA LYS C 47 10.71 21.71 -2.23
C LYS C 47 10.43 21.58 -0.75
N GLY C 48 9.16 21.73 -0.37
CA GLY C 48 8.75 21.63 1.03
C GLY C 48 9.03 20.24 1.62
N TRP C 49 8.94 19.20 0.76
CA TRP C 49 9.34 17.87 1.18
C TRP C 49 10.86 17.74 1.27
N ASP C 50 11.57 18.20 0.26
CA ASP C 50 13.03 18.01 0.25
C ASP C 50 13.64 18.63 1.49
N GLN C 51 13.10 19.76 1.91
CA GLN C 51 13.70 20.38 3.12
C GLN C 51 13.06 19.94 4.44
N GLY C 52 11.86 19.40 4.37
CA GLY C 52 11.03 19.13 5.55
C GLY C 52 11.07 17.70 6.06
N LEU C 53 11.69 16.78 5.28
CA LEU C 53 11.67 15.36 5.64
C LEU C 53 13.05 14.83 6.06
N LEU C 54 13.95 15.76 6.37
CA LEU C 54 15.27 15.41 6.85
C LEU C 54 15.26 14.88 8.28
N GLY C 55 16.12 13.89 8.59
CA GLY C 55 16.30 13.44 10.00
C GLY C 55 15.16 12.58 10.55
N MET C 56 14.40 11.94 9.64
CA MET C 56 13.33 11.06 10.09
C MET C 56 13.84 9.64 10.20
N CYS C 57 13.45 8.94 11.27
CA CYS C 57 13.74 7.48 11.34
C CYS C 57 12.56 6.63 10.78
N GLU C 58 12.82 5.36 10.45
CA GLU C 58 11.75 4.46 10.00
C GLU C 58 10.72 4.35 11.10
N GLY C 59 9.45 4.47 10.71
CA GLY C 59 8.31 4.37 11.65
C GLY C 59 7.86 5.73 12.13
N GLU C 60 8.64 6.79 11.84
CA GLU C 60 8.37 8.12 12.41
C GLU C 60 7.34 8.90 11.58
N LYS C 61 6.50 9.67 12.27
N LYS C 61 6.49 9.67 12.26
CA LYS C 61 5.53 10.55 11.61
CA LYS C 61 5.48 10.52 11.58
C LYS C 61 6.05 11.98 11.64
C LYS C 61 5.82 12.01 11.75
N ARG C 62 5.54 12.79 10.71
CA ARG C 62 5.85 14.21 10.71
C ARG C 62 4.70 14.98 10.06
N LYS C 63 4.42 16.22 10.53
CA LYS C 63 3.42 17.04 9.86
C LYS C 63 4.16 18.23 9.28
N LEU C 64 3.79 18.61 8.04
CA LEU C 64 4.42 19.73 7.36
C LEU C 64 3.35 20.65 6.77
N VAL C 65 3.41 21.94 7.13
CA VAL C 65 2.62 22.97 6.43
C VAL C 65 3.52 23.52 5.30
N ILE C 66 3.02 23.52 4.06
CA ILE C 66 3.87 23.91 2.92
C ILE C 66 3.12 24.99 2.09
N PRO C 67 3.49 26.27 2.29
CA PRO C 67 2.92 27.33 1.45
C PRO C 67 3.27 27.02 -0.01
N SER C 68 2.52 27.55 -0.98
CA SER C 68 2.65 27.12 -2.38
C SER C 68 4.03 27.43 -2.94
N GLU C 69 4.74 28.40 -2.35
CA GLU C 69 6.14 28.74 -2.79
C GLU C 69 7.07 27.50 -2.74
N LEU C 70 6.71 26.57 -1.89
CA LEU C 70 7.49 25.34 -1.70
C LEU C 70 6.66 24.15 -2.11
N GLY C 71 5.54 24.43 -2.78
CA GLY C 71 4.65 23.36 -3.24
C GLY C 71 4.53 23.44 -4.74
N TYR C 72 3.31 23.76 -5.21
CA TYR C 72 3.03 23.80 -6.66
C TYR C 72 2.87 25.24 -7.23
N GLY C 73 3.19 26.22 -6.39
CA GLY C 73 3.32 27.61 -6.82
C GLY C 73 1.98 28.18 -7.23
N GLU C 74 2.06 29.19 -8.06
CA GLU C 74 0.86 29.86 -8.55
C GLU C 74 0.13 29.05 -9.65
N ARG C 75 0.86 28.17 -10.35
CA ARG C 75 0.30 27.36 -11.46
C ARG C 75 -0.58 26.25 -10.88
N GLY C 76 -0.21 25.80 -9.68
CA GLY C 76 -0.89 24.70 -9.02
C GLY C 76 -0.70 23.40 -9.77
N ALA C 77 -1.53 22.42 -9.44
CA ALA C 77 -1.51 21.12 -10.14
C ALA C 77 -2.94 20.62 -10.31
N PRO C 78 -3.64 21.18 -11.31
CA PRO C 78 -5.05 20.87 -11.57
C PRO C 78 -5.26 19.40 -11.83
N PRO C 79 -6.43 18.86 -11.45
CA PRO C 79 -7.63 19.51 -10.89
C PRO C 79 -7.72 19.67 -9.36
N LYS C 80 -6.86 19.01 -8.59
CA LYS C 80 -7.06 18.93 -7.14
C LYS C 80 -6.32 19.97 -6.29
N ILE C 81 -5.23 20.52 -6.84
CA ILE C 81 -4.45 21.54 -6.12
C ILE C 81 -4.49 22.89 -6.85
N PRO C 82 -5.19 23.87 -6.27
CA PRO C 82 -5.32 25.21 -6.88
C PRO C 82 -4.02 25.94 -6.89
N GLY C 83 -3.91 26.95 -7.76
CA GLY C 83 -2.79 27.86 -7.68
C GLY C 83 -2.78 28.51 -6.30
N GLY C 84 -1.58 28.70 -5.73
CA GLY C 84 -1.42 29.41 -4.47
C GLY C 84 -1.83 28.73 -3.16
N ALA C 85 -2.29 27.46 -3.23
CA ALA C 85 -2.72 26.73 -2.03
C ALA C 85 -1.57 26.35 -1.11
N THR C 86 -1.78 26.59 0.17
CA THR C 86 -0.92 26.03 1.20
C THR C 86 -1.36 24.59 1.42
N LEU C 87 -0.39 23.69 1.54
CA LEU C 87 -0.71 22.27 1.65
C LEU C 87 -0.34 21.82 3.02
N VAL C 88 -1.11 20.86 3.54
CA VAL C 88 -0.79 20.32 4.84
C VAL C 88 -0.61 18.82 4.69
N PHE C 89 0.59 18.33 5.00
CA PHE C 89 0.88 16.90 4.88
C PHE C 89 1.09 16.27 6.24
N GLU C 90 0.52 15.08 6.42
CA GLU C 90 0.92 14.17 7.50
C GLU C 90 1.60 13.02 6.79
N VAL C 91 2.77 12.67 7.27
N VAL C 91 2.83 12.73 7.18
CA VAL C 91 3.63 11.73 6.57
CA VAL C 91 3.63 11.70 6.50
C VAL C 91 4.11 10.69 7.56
C VAL C 91 4.11 10.69 7.53
N GLU C 92 4.45 9.49 7.07
CA GLU C 92 4.99 8.44 7.92
C GLU C 92 6.10 7.82 7.07
N LEU C 93 7.31 7.86 7.58
CA LEU C 93 8.37 7.15 6.86
C LEU C 93 8.35 5.66 7.15
N LEU C 94 8.34 4.81 6.11
CA LEU C 94 8.28 3.33 6.31
C LEU C 94 9.64 2.68 6.21
N LYS C 95 10.46 3.18 5.30
CA LYS C 95 11.69 2.53 4.91
C LYS C 95 12.68 3.53 4.30
N ILE C 96 13.94 3.42 4.73
CA ILE C 96 15.06 4.12 4.10
C ILE C 96 15.87 2.97 3.47
N GLU C 97 16.00 3.02 2.14
CA GLU C 97 16.66 1.95 1.40
C GLU C 97 18.06 1.67 1.95
N ARG C 98 18.79 2.73 2.28
CA ARG C 98 20.15 2.60 2.84
C ARG C 98 20.34 1.65 4.08
N ARG C 99 19.28 1.46 4.87
CA ARG C 99 19.35 0.62 6.07
C ARG C 99 19.68 -0.83 5.77
N THR C 100 19.23 -1.28 4.59
CA THR C 100 19.39 -2.69 4.21
C THR C 100 20.15 -2.87 2.92
N GLY D 1 -21.02 9.58 -5.60
CA GLY D 1 -20.76 8.11 -5.55
C GLY D 1 -19.34 7.72 -5.25
N SER D 2 -19.14 6.42 -5.18
CA SER D 2 -17.98 5.80 -4.56
C SER D 2 -17.63 4.60 -5.38
N PRO D 3 -16.32 4.35 -5.59
CA PRO D 3 -15.89 3.11 -6.25
C PRO D 3 -16.35 1.91 -5.41
N ILE D 4 -16.59 0.77 -6.02
CA ILE D 4 -17.17 -0.28 -5.19
C ILE D 4 -16.00 -0.90 -4.47
N LYS D 5 -16.35 -1.61 -3.40
CA LYS D 5 -15.34 -2.22 -2.56
C LYS D 5 -15.78 -3.61 -2.21
N SER D 6 -14.81 -4.46 -1.97
CA SER D 6 -15.10 -5.90 -1.96
C SER D 6 -16.03 -6.23 -0.80
N ARG D 7 -16.99 -7.09 -1.09
CA ARG D 7 -17.81 -7.69 -0.01
C ARG D 7 -18.05 -9.17 -0.28
N LYS D 8 -18.58 -9.86 0.73
CA LYS D 8 -18.93 -11.25 0.56
C LYS D 8 -19.73 -11.47 -0.74
N GLY D 9 -19.27 -12.44 -1.53
CA GLY D 9 -19.97 -12.89 -2.69
C GLY D 9 -19.45 -12.29 -3.99
N ASP D 10 -18.65 -11.23 -3.90
CA ASP D 10 -18.02 -10.60 -5.09
C ASP D 10 -17.05 -11.54 -5.76
N VAL D 11 -16.91 -11.38 -7.06
CA VAL D 11 -15.86 -12.03 -7.82
C VAL D 11 -14.69 -11.04 -7.86
N LEU D 12 -13.57 -11.51 -7.34
CA LEU D 12 -12.34 -10.68 -7.30
C LEU D 12 -11.28 -11.24 -8.26
N HIS D 13 -10.55 -10.34 -8.93
CA HIS D 13 -9.36 -10.68 -9.71
C HIS D 13 -8.17 -10.15 -8.88
N MET D 14 -7.37 -11.05 -8.31
CA MET D 14 -6.37 -10.68 -7.29
C MET D 14 -4.98 -11.16 -7.60
N HIS D 15 -4.01 -10.26 -7.53
CA HIS D 15 -2.60 -10.67 -7.53
C HIS D 15 -2.18 -11.01 -6.11
N TYR D 16 -1.22 -11.93 -5.96
CA TYR D 16 -0.74 -12.34 -4.64
C TYR D 16 0.63 -13.03 -4.66
N THR D 17 1.29 -13.03 -3.49
CA THR D 17 2.53 -13.83 -3.26
C THR D 17 2.45 -14.40 -1.85
N GLY D 18 2.59 -15.71 -1.68
CA GLY D 18 2.50 -16.38 -0.36
C GLY D 18 3.81 -17.00 0.04
N LYS D 19 4.22 -16.67 1.25
CA LYS D 19 5.48 -17.18 1.83
C LYS D 19 5.16 -17.87 3.15
N LEU D 20 6.00 -18.83 3.50
CA LEU D 20 6.00 -19.35 4.84
C LEU D 20 6.71 -18.34 5.77
N GLU D 21 6.63 -18.58 7.07
CA GLU D 21 7.14 -17.64 8.09
C GLU D 21 8.67 -17.47 8.07
N ASP D 22 9.37 -18.48 7.55
CA ASP D 22 10.83 -18.41 7.37
C ASP D 22 11.20 -17.65 6.08
N GLY D 23 10.19 -17.19 5.35
CA GLY D 23 10.41 -16.37 4.17
C GLY D 23 10.39 -17.16 2.87
N THR D 24 10.18 -18.48 2.97
CA THR D 24 10.12 -19.36 1.82
C THR D 24 8.85 -19.12 0.98
N GLU D 25 9.06 -18.73 -0.26
CA GLU D 25 7.93 -18.40 -1.15
C GLU D 25 7.35 -19.70 -1.74
N PHE D 26 6.04 -19.90 -1.57
CA PHE D 26 5.44 -21.15 -2.04
C PHE D 26 4.57 -20.97 -3.29
N ASP D 27 4.10 -19.75 -3.53
CA ASP D 27 3.27 -19.48 -4.71
C ASP D 27 3.21 -17.98 -4.99
N SER D 28 2.96 -17.63 -6.25
CA SER D 28 2.72 -16.22 -6.62
C SER D 28 2.04 -16.16 -7.99
N SER D 29 1.29 -15.08 -8.22
CA SER D 29 0.64 -14.83 -9.50
C SER D 29 1.45 -13.85 -10.37
N LEU D 30 2.53 -13.32 -9.83
CA LEU D 30 3.23 -12.21 -10.45
C LEU D 30 4.19 -12.59 -11.61
N PRO D 31 4.96 -13.68 -11.44
CA PRO D 31 5.86 -14.08 -12.55
C PRO D 31 5.13 -14.28 -13.90
N GLN D 32 4.06 -15.07 -13.91
CA GLN D 32 3.23 -15.33 -15.11
C GLN D 32 2.24 -14.14 -15.41
N ASN D 33 2.09 -13.25 -14.45
CA ASN D 33 1.17 -12.11 -14.53
C ASN D 33 -0.29 -12.55 -14.77
N GLN D 34 -0.75 -13.50 -13.95
CA GLN D 34 -2.11 -14.02 -14.06
C GLN D 34 -2.87 -13.89 -12.71
N PRO D 35 -3.79 -12.92 -12.62
CA PRO D 35 -4.54 -12.66 -11.43
C PRO D 35 -5.34 -13.92 -11.12
N PHE D 36 -5.57 -14.17 -9.84
CA PHE D 36 -6.36 -15.32 -9.43
C PHE D 36 -7.79 -14.84 -9.25
N VAL D 37 -8.74 -15.50 -9.94
CA VAL D 37 -10.10 -15.01 -9.93
C VAL D 37 -10.96 -15.98 -9.13
N PHE D 38 -11.77 -15.48 -8.18
CA PHE D 38 -12.48 -16.37 -7.28
C PHE D 38 -13.65 -15.61 -6.65
N SER D 39 -14.61 -16.33 -6.06
CA SER D 39 -15.76 -15.66 -5.39
C SER D 39 -15.40 -15.51 -3.90
N LEU D 40 -15.39 -14.28 -3.41
CA LEU D 40 -15.01 -14.03 -2.02
C LEU D 40 -16.08 -14.57 -1.07
N GLY D 41 -15.63 -15.23 0.00
CA GLY D 41 -16.52 -15.61 1.08
C GLY D 41 -17.37 -16.80 0.75
N THR D 42 -16.90 -17.66 -0.16
CA THR D 42 -17.61 -18.91 -0.47
C THR D 42 -16.83 -20.18 -0.08
N GLY D 43 -15.68 -20.02 0.57
CA GLY D 43 -14.88 -21.20 0.88
C GLY D 43 -14.07 -21.73 -0.31
N GLN D 44 -13.97 -20.92 -1.37
CA GLN D 44 -13.24 -21.29 -2.57
C GLN D 44 -11.76 -21.11 -2.32
N VAL D 45 -11.43 -20.12 -1.48
CA VAL D 45 -10.06 -19.89 -1.03
C VAL D 45 -9.98 -20.10 0.51
N ILE D 46 -8.78 -20.05 1.05
CA ILE D 46 -8.56 -20.34 2.47
C ILE D 46 -9.33 -19.30 3.34
N LYS D 47 -9.70 -19.72 4.55
N LYS D 47 -9.70 -19.71 4.55
CA LYS D 47 -10.52 -18.86 5.42
CA LYS D 47 -10.53 -18.85 5.41
C LYS D 47 -9.88 -17.49 5.66
C LYS D 47 -9.88 -17.49 5.74
N GLY D 48 -8.56 -17.46 5.81
CA GLY D 48 -7.80 -16.23 6.02
C GLY D 48 -7.96 -15.15 4.94
N TRP D 49 -8.08 -15.60 3.69
CA TRP D 49 -8.43 -14.73 2.59
C TRP D 49 -9.89 -14.28 2.71
N ASP D 50 -10.84 -15.20 2.95
CA ASP D 50 -12.27 -14.83 2.97
C ASP D 50 -12.53 -13.71 4.00
N GLN D 51 -11.85 -13.80 5.14
CA GLN D 51 -12.11 -12.82 6.19
C GLN D 51 -11.21 -11.59 6.06
N GLY D 52 -10.08 -11.74 5.36
CA GLY D 52 -9.03 -10.69 5.30
C GLY D 52 -9.05 -9.74 4.12
N LEU D 53 -9.88 -10.04 3.14
CA LEU D 53 -9.89 -9.26 1.87
C LEU D 53 -11.16 -8.40 1.71
N LEU D 54 -11.87 -8.20 2.82
CA LEU D 54 -13.10 -7.36 2.78
C LEU D 54 -12.77 -5.86 2.78
N GLY D 55 -13.55 -5.11 2.00
CA GLY D 55 -13.50 -3.63 2.02
C GLY D 55 -12.32 -3.08 1.24
N MET D 56 -11.81 -3.85 0.28
CA MET D 56 -10.78 -3.35 -0.66
C MET D 56 -11.39 -2.79 -1.92
N CYS D 57 -10.83 -1.68 -2.35
CA CYS D 57 -11.15 -1.07 -3.62
C CYS D 57 -10.17 -1.55 -4.72
N GLU D 58 -10.56 -1.41 -5.98
CA GLU D 58 -9.67 -1.76 -7.09
C GLU D 58 -8.29 -1.03 -7.00
N GLY D 59 -7.22 -1.81 -7.18
CA GLY D 59 -5.85 -1.28 -7.08
C GLY D 59 -5.25 -1.25 -5.67
N GLU D 60 -6.06 -1.53 -4.67
CA GLU D 60 -5.58 -1.54 -3.27
C GLU D 60 -4.71 -2.73 -2.89
N LYS D 61 -3.64 -2.46 -2.13
N LYS D 61 -3.65 -2.45 -2.13
CA LYS D 61 -2.78 -3.54 -1.65
CA LYS D 61 -2.76 -3.50 -1.63
C LYS D 61 -2.94 -3.88 -0.17
C LYS D 61 -3.15 -3.93 -0.22
N ARG D 62 -2.81 -5.16 0.15
CA ARG D 62 -2.92 -5.58 1.54
C ARG D 62 -1.98 -6.73 1.95
N LYS D 63 -1.47 -6.69 3.18
CA LYS D 63 -0.72 -7.82 3.77
C LYS D 63 -1.56 -8.62 4.79
N LEU D 64 -1.53 -9.95 4.71
CA LEU D 64 -2.25 -10.85 5.63
C LEU D 64 -1.36 -11.96 6.19
N VAL D 65 -1.25 -12.05 7.52
CA VAL D 65 -0.69 -13.20 8.19
C VAL D 65 -1.85 -14.13 8.51
N ILE D 66 -1.65 -15.39 8.12
CA ILE D 66 -2.66 -16.45 8.19
C ILE D 66 -2.14 -17.75 8.87
N PRO D 67 -2.33 -17.85 10.19
CA PRO D 67 -2.00 -19.10 10.92
C PRO D 67 -2.78 -20.26 10.31
N SER D 68 -2.33 -21.50 10.56
CA SER D 68 -2.77 -22.59 9.71
C SER D 68 -4.23 -22.88 10.02
N GLU D 69 -4.70 -22.43 11.18
CA GLU D 69 -6.13 -22.59 11.55
C GLU D 69 -7.04 -22.01 10.47
N LEU D 70 -6.47 -21.01 9.79
CA LEU D 70 -7.20 -20.28 8.76
C LEU D 70 -6.57 -20.45 7.37
N GLY D 71 -5.62 -21.37 7.26
CA GLY D 71 -4.90 -21.59 6.02
C GLY D 71 -5.15 -23.00 5.55
N TYR D 72 -4.10 -23.80 5.56
CA TYR D 72 -4.13 -25.26 5.18
C TYR D 72 -4.21 -26.28 6.31
N GLY D 73 -4.29 -25.80 7.55
CA GLY D 73 -4.53 -26.68 8.71
C GLY D 73 -3.42 -27.67 8.99
N GLU D 74 -3.79 -28.77 9.63
CA GLU D 74 -2.89 -29.90 9.86
C GLU D 74 -2.49 -30.67 8.60
N ARG D 75 -3.34 -30.66 7.57
CA ARG D 75 -3.07 -31.36 6.30
C ARG D 75 -1.93 -30.70 5.57
N GLY D 76 -1.90 -29.37 5.61
CA GLY D 76 -0.92 -28.65 4.81
C GLY D 76 -1.21 -28.77 3.33
N ALA D 77 -0.23 -28.42 2.51
CA ALA D 77 -0.39 -28.49 1.09
C ALA D 77 0.94 -28.96 0.49
N PRO D 78 1.21 -30.28 0.59
CA PRO D 78 2.49 -30.89 0.20
C PRO D 78 2.78 -30.78 -1.31
N PRO D 79 4.05 -30.68 -1.69
CA PRO D 79 5.19 -30.78 -0.77
C PRO D 79 5.61 -29.46 -0.11
N LYS D 80 5.03 -28.34 -0.56
CA LYS D 80 5.55 -27.03 -0.17
C LYS D 80 5.12 -26.51 1.20
N ILE D 81 3.85 -26.71 1.54
N ILE D 81 3.89 -26.85 1.60
CA ILE D 81 3.32 -26.17 2.80
CA ILE D 81 3.28 -26.21 2.76
C ILE D 81 3.19 -27.33 3.78
C ILE D 81 3.02 -27.21 3.88
N PRO D 82 3.88 -27.22 4.92
CA PRO D 82 3.83 -28.18 6.03
C PRO D 82 2.51 -28.07 6.77
N GLY D 83 2.08 -29.13 7.46
CA GLY D 83 0.88 -29.05 8.25
C GLY D 83 1.22 -28.07 9.38
N GLY D 84 0.28 -27.22 9.77
CA GLY D 84 0.56 -26.27 10.89
C GLY D 84 1.29 -24.96 10.55
N ALA D 85 1.63 -24.74 9.27
CA ALA D 85 2.42 -23.56 8.89
C ALA D 85 1.59 -22.28 8.88
N THR D 86 2.19 -21.20 9.40
CA THR D 86 1.60 -19.88 9.22
C THR D 86 2.03 -19.37 7.86
N LEU D 87 1.09 -18.74 7.15
CA LEU D 87 1.37 -18.22 5.79
C LEU D 87 1.39 -16.70 5.83
N VAL D 88 2.21 -16.07 4.99
CA VAL D 88 2.15 -14.64 4.97
C VAL D 88 1.86 -14.31 3.50
N PHE D 89 0.79 -13.55 3.23
CA PHE D 89 0.50 -13.15 1.83
C PHE D 89 0.57 -11.63 1.63
N GLU D 90 1.13 -11.20 0.51
CA GLU D 90 0.97 -9.81 0.02
C GLU D 90 0.01 -9.86 -1.15
N VAL D 91 -1.02 -9.00 -1.16
CA VAL D 91 -2.04 -9.07 -2.19
C VAL D 91 -2.31 -7.72 -2.83
N GLU D 92 -2.80 -7.76 -4.05
CA GLU D 92 -3.31 -6.58 -4.74
C GLU D 92 -4.57 -6.86 -5.53
N LEU D 93 -5.64 -6.08 -5.27
CA LEU D 93 -6.95 -6.33 -5.96
C LEU D 93 -6.95 -5.57 -7.29
N LEU D 94 -7.11 -6.28 -8.41
CA LEU D 94 -7.07 -5.66 -9.74
C LEU D 94 -8.42 -5.20 -10.17
N LYS D 95 -9.43 -6.04 -9.90
CA LYS D 95 -10.78 -5.79 -10.42
C LYS D 95 -11.82 -6.49 -9.55
N ILE D 96 -12.96 -5.84 -9.36
CA ILE D 96 -14.15 -6.48 -8.78
C ILE D 96 -15.19 -6.59 -9.87
N GLU D 97 -15.66 -7.80 -10.15
CA GLU D 97 -16.66 -7.94 -11.23
C GLU D 97 -17.90 -7.09 -10.91
N ARG D 98 -18.38 -6.40 -11.92
CA ARG D 98 -19.58 -5.57 -11.76
C ARG D 98 -20.70 -6.50 -11.29
N ARG D 99 -21.53 -5.98 -10.38
CA ARG D 99 -22.29 -6.82 -9.46
C ARG D 99 -23.73 -6.37 -9.25
C1 PEG E . -7.83 -6.23 20.72
O1 PEG E . -6.62 -5.55 21.06
C2 PEG E . -9.03 -5.54 21.32
O2 PEG E . -8.90 -5.56 22.75
C3 PEG E . -9.84 -4.64 23.35
C4 PEG E . -9.77 -4.53 24.88
O4 PEG E . -8.46 -4.40 25.38
C1 PEG F . 7.94 9.59 -17.14
O1 PEG F . 7.03 9.81 -16.08
C2 PEG F . 9.38 9.80 -16.73
O2 PEG F . 9.62 11.13 -16.29
C3 PEG F . 10.89 10.99 -15.68
C4 PEG F . 11.16 12.24 -14.85
O4 PEG F . 9.93 12.86 -14.51
C1 PEG G . 5.17 16.14 -2.83
O1 PEG G . 5.87 16.08 -4.07
C2 PEG G . 4.36 14.85 -2.63
O2 PEG G . 3.63 14.49 -3.81
C3 PEG G . 3.66 13.08 -3.90
C4 PEG G . 2.73 12.58 -4.99
O4 PEG G . 2.89 13.27 -6.23
C1 PEG H . -5.46 -18.87 -0.93
O1 PEG H . -6.66 -19.62 -1.05
C2 PEG H . -5.13 -18.26 -2.27
O2 PEG H . -4.39 -19.26 -2.97
C3 PEG H . -4.48 -18.89 -4.38
C4 PEG H . -3.87 -20.04 -5.19
O4 PEG H . -4.66 -21.19 -5.07
#